data_4ITH
#
_entry.id   4ITH
#
_cell.length_a   47.128
_cell.length_b   93.605
_cell.length_c   129.070
_cell.angle_alpha   90.00
_cell.angle_beta   90.00
_cell.angle_gamma   90.00
#
_symmetry.space_group_name_H-M   'P 21 21 21'
#
loop_
_entity.id
_entity.type
_entity.pdbx_description
1 polymer 'Receptor-interacting serine/threonine-protein kinase 1'
2 non-polymer 'IODIDE ION'
3 non-polymer 'SODIUM ION'
4 non-polymer (5R)-5-[(7-chloro-1H-indol-3-yl)methyl]-3-methylimidazolidine-2,4-dione
5 water water
#
_entity_poly.entity_id   1
_entity_poly.type   'polypeptide(L)'
_entity_poly.pdbx_seq_one_letter_code
;MQPDMSLNVIKMKSSDFLESAELDSGGFGKVSLAFHRTQGLMIMKTVYKGPNCIEHNEALLEEAKMMNRLRHSRVVKLLG
VIIEEGKYSLVMEYMEKGNLMHVLKAEMSTPLSVKGRIILEIIEGMAYLHGKGVIHKDLKPENILVDNDFHIKIADLGLA
SFKMWSKLNNEEHNELREVDGTAKKNGGTLYYMAPEHLNDVNAKPTEKSDVYSFAVVLWAIFANKEPYENAIAEQQLIMA
IKSGNRPDVDDITEYCPREIISLMKLCWEANPEARPTFPGIEEKFRPFYLSQLE
;
_entity_poly.pdbx_strand_id   A,B
#
# COMPACT_ATOMS: atom_id res chain seq x y z
N ASN A 8 -9.69 40.76 -21.51
CA ASN A 8 -10.82 40.97 -22.41
C ASN A 8 -10.94 39.92 -23.49
N VAL A 9 -10.21 40.07 -24.59
CA VAL A 9 -10.20 39.01 -25.58
C VAL A 9 -9.88 39.56 -26.93
N ILE A 10 -8.95 38.93 -27.59
CA ILE A 10 -8.35 39.50 -28.76
C ILE A 10 -8.98 39.00 -30.03
N LYS A 11 -9.76 39.84 -30.68
CA LYS A 11 -10.32 39.46 -31.97
C LYS A 11 -9.24 39.54 -33.03
N MET A 12 -9.00 38.43 -33.71
CA MET A 12 -8.00 38.38 -34.77
C MET A 12 -8.67 38.22 -36.13
N LYS A 13 -7.89 38.44 -37.19
CA LYS A 13 -8.37 38.22 -38.55
C LYS A 13 -7.53 37.13 -39.16
N SER A 14 -7.99 36.56 -40.27
CA SER A 14 -7.22 35.50 -40.92
C SER A 14 -6.13 36.09 -41.79
N SER A 15 -6.15 37.39 -41.99
CA SER A 15 -5.09 38.00 -42.77
C SER A 15 -3.85 38.18 -41.90
N ASP A 16 -4.00 37.95 -40.60
CA ASP A 16 -2.87 37.95 -39.68
C ASP A 16 -2.00 36.71 -39.80
N PHE A 17 -2.43 35.74 -40.59
CA PHE A 17 -1.72 34.47 -40.67
C PHE A 17 -1.22 34.18 -42.08
N LEU A 18 -0.24 33.30 -42.19
CA LEU A 18 0.25 32.87 -43.50
C LEU A 18 -0.23 31.45 -43.78
N VAL A 31 -6.89 19.91 -35.25
CA VAL A 31 -6.32 21.23 -35.02
C VAL A 31 -5.29 21.51 -36.11
N SER A 32 -4.97 22.78 -36.33
CA SER A 32 -4.04 23.17 -37.40
C SER A 32 -3.03 24.20 -36.91
N LEU A 33 -1.75 23.96 -37.19
CA LEU A 33 -0.73 24.96 -36.93
C LEU A 33 -1.08 26.22 -37.74
N ALA A 34 -0.73 27.37 -37.20
CA ALA A 34 -0.98 28.66 -37.84
C ALA A 34 0.19 29.60 -37.56
N PHE A 35 0.51 30.44 -38.54
CA PHE A 35 1.66 31.32 -38.42
C PHE A 35 1.27 32.79 -38.42
N HIS A 36 1.15 33.36 -37.23
CA HIS A 36 0.84 34.77 -37.06
C HIS A 36 1.98 35.60 -37.61
N ARG A 37 1.68 36.76 -38.20
CA ARG A 37 2.69 37.62 -38.85
CA ARG A 37 2.76 37.54 -38.81
C ARG A 37 3.43 38.54 -37.88
N THR A 38 3.01 38.55 -36.63
CA THR A 38 3.60 39.43 -35.67
C THR A 38 3.82 38.70 -34.38
N GLN A 39 3.16 37.57 -34.22
CA GLN A 39 3.25 36.93 -32.94
C GLN A 39 3.96 35.62 -33.01
N GLY A 40 3.83 34.91 -34.11
CA GLY A 40 4.62 33.72 -34.24
C GLY A 40 3.80 32.50 -34.39
N LEU A 41 4.29 31.38 -33.89
CA LEU A 41 3.63 30.11 -34.05
C LEU A 41 2.44 30.00 -33.11
N MET A 42 1.30 29.58 -33.61
CA MET A 42 0.12 29.39 -32.79
C MET A 42 -0.60 28.16 -33.26
N ILE A 43 -1.48 27.62 -32.45
CA ILE A 43 -2.34 26.56 -32.93
C ILE A 43 -3.78 27.05 -33.04
N MET A 44 -4.51 26.44 -33.96
CA MET A 44 -5.80 26.95 -34.37
C MET A 44 -6.81 25.84 -34.48
N LYS A 45 -7.93 25.98 -33.81
CA LYS A 45 -9.03 25.05 -34.02
C LYS A 45 -10.13 25.77 -34.79
N THR A 46 -10.22 25.47 -36.08
CA THR A 46 -11.27 26.06 -36.90
C THR A 46 -12.58 25.31 -36.66
N VAL A 47 -13.65 26.07 -36.46
CA VAL A 47 -14.97 25.51 -36.19
C VAL A 47 -15.98 25.95 -37.25
N ASN A 57 -23.53 35.62 -32.49
CA ASN A 57 -22.23 36.13 -32.15
C ASN A 57 -22.10 36.77 -30.79
N GLU A 58 -23.09 37.47 -30.24
CA GLU A 58 -22.72 37.86 -28.88
C GLU A 58 -22.40 36.67 -27.97
N ALA A 59 -23.00 35.52 -28.25
CA ALA A 59 -22.89 34.37 -27.37
C ALA A 59 -21.55 33.61 -27.50
N LEU A 60 -21.17 33.30 -28.74
CA LEU A 60 -19.86 32.69 -29.00
C LEU A 60 -18.74 33.60 -28.49
N LEU A 61 -18.84 34.88 -28.83
CA LEU A 61 -17.90 35.89 -28.37
C LEU A 61 -17.83 35.91 -26.86
N GLU A 62 -18.99 35.91 -26.20
CA GLU A 62 -19.02 35.97 -24.74
C GLU A 62 -18.35 34.74 -24.11
N GLU A 63 -18.68 33.57 -24.66
CA GLU A 63 -18.05 32.33 -24.21
C GLU A 63 -16.53 32.47 -24.32
N ALA A 64 -16.08 32.92 -25.48
CA ALA A 64 -14.66 33.13 -25.71
C ALA A 64 -14.04 34.09 -24.69
N LYS A 65 -14.76 35.15 -24.34
CA LYS A 65 -14.27 36.06 -23.30
C LYS A 65 -14.10 35.35 -21.97
N MET A 66 -15.08 34.49 -21.64
CA MET A 66 -15.01 33.72 -20.40
C MET A 66 -13.79 32.79 -20.37
N MET A 67 -13.51 32.18 -21.51
CA MET A 67 -12.41 31.23 -21.62
C MET A 67 -11.07 31.96 -21.63
N ASN A 68 -11.11 33.21 -22.04
CA ASN A 68 -9.93 34.03 -22.15
C ASN A 68 -9.35 34.35 -20.78
N ARG A 69 -10.16 34.17 -19.74
CA ARG A 69 -9.72 34.43 -18.37
C ARG A 69 -8.77 33.35 -17.83
N LEU A 70 -8.73 32.19 -18.49
CA LEU A 70 -7.94 31.09 -17.99
C LEU A 70 -6.47 31.32 -18.32
N ARG A 71 -5.75 31.79 -17.31
CA ARG A 71 -4.41 32.30 -17.49
C ARG A 71 -3.56 31.78 -16.34
N HIS A 72 -2.66 30.88 -16.68
CA HIS A 72 -1.90 30.11 -15.71
C HIS A 72 -0.81 29.36 -16.49
N SER A 73 0.34 29.18 -15.86
CA SER A 73 1.51 28.67 -16.54
C SER A 73 1.30 27.23 -17.00
N ARG A 74 0.41 26.52 -16.31
CA ARG A 74 0.12 25.13 -16.67
C ARG A 74 -1.16 24.97 -17.50
N VAL A 75 -1.63 26.04 -18.13
CA VAL A 75 -2.89 26.00 -18.88
C VAL A 75 -2.71 26.59 -20.27
N VAL A 76 -3.05 25.85 -21.33
CA VAL A 76 -2.95 26.37 -22.69
C VAL A 76 -3.86 27.58 -22.79
N LYS A 77 -3.31 28.70 -23.23
CA LYS A 77 -4.02 29.96 -23.17
C LYS A 77 -4.75 30.23 -24.49
N LEU A 78 -5.97 30.74 -24.37
CA LEU A 78 -6.66 31.27 -25.55
C LEU A 78 -6.03 32.61 -25.92
N LEU A 79 -5.39 32.67 -27.08
CA LEU A 79 -4.71 33.88 -27.50
C LEU A 79 -5.63 34.76 -28.31
N GLY A 80 -6.48 34.13 -29.13
CA GLY A 80 -7.38 34.93 -29.94
C GLY A 80 -8.55 34.19 -30.53
N VAL A 81 -9.45 34.93 -31.17
CA VAL A 81 -10.61 34.33 -31.83
C VAL A 81 -10.80 34.91 -33.22
N ILE A 82 -11.07 34.04 -34.20
CA ILE A 82 -11.37 34.51 -35.54
C ILE A 82 -12.84 34.27 -35.85
N ILE A 83 -13.59 35.35 -35.96
CA ILE A 83 -15.01 35.25 -36.29
C ILE A 83 -15.25 35.88 -37.66
N GLU A 84 -15.23 35.09 -38.70
CA GLU A 84 -15.47 35.66 -40.02
C GLU A 84 -16.29 34.76 -40.96
N GLU A 85 -17.40 35.30 -41.43
CA GLU A 85 -18.15 34.77 -42.55
C GLU A 85 -18.20 33.26 -42.60
N GLY A 86 -17.33 32.69 -43.43
CA GLY A 86 -17.28 31.25 -43.60
C GLY A 86 -16.26 30.50 -42.76
N LYS A 87 -16.04 30.94 -41.52
CA LYS A 87 -15.16 30.20 -40.61
C LYS A 87 -15.04 30.85 -39.25
N TYR A 88 -15.12 30.02 -38.22
CA TYR A 88 -14.90 30.42 -36.83
C TYR A 88 -13.70 29.66 -36.28
N SER A 89 -12.81 30.37 -35.57
CA SER A 89 -11.57 29.76 -35.11
C SER A 89 -11.21 30.17 -33.70
N LEU A 90 -10.64 29.23 -32.97
CA LEU A 90 -10.03 29.52 -31.67
C LEU A 90 -8.52 29.42 -31.81
N VAL A 91 -7.81 30.38 -31.23
CA VAL A 91 -6.37 30.48 -31.39
C VAL A 91 -5.66 30.39 -30.03
N MET A 92 -4.82 29.36 -29.92
CA MET A 92 -4.15 28.95 -28.67
C MET A 92 -2.63 28.94 -28.80
N GLU A 93 -1.94 28.94 -27.67
CA GLU A 93 -0.50 28.87 -27.71
C GLU A 93 0.02 27.54 -28.21
N TYR A 94 1.16 27.56 -28.87
CA TYR A 94 1.76 26.36 -29.41
C TYR A 94 2.55 25.64 -28.32
N MET A 95 2.50 24.31 -28.34
CA MET A 95 3.35 23.50 -27.48
C MET A 95 4.18 22.55 -28.34
N GLU A 96 5.50 22.69 -28.22
CA GLU A 96 6.43 22.17 -29.21
C GLU A 96 6.57 20.66 -29.34
N LYS A 97 6.35 19.90 -28.27
CA LYS A 97 6.54 18.46 -28.35
C LYS A 97 5.24 17.65 -28.52
N GLY A 98 4.12 18.32 -28.74
CA GLY A 98 2.85 17.63 -28.92
C GLY A 98 2.22 17.17 -27.62
N ASN A 99 1.35 16.17 -27.69
CA ASN A 99 0.66 15.71 -26.49
C ASN A 99 1.50 14.77 -25.66
N LEU A 100 0.98 14.46 -24.48
CA LEU A 100 1.73 13.69 -23.49
C LEU A 100 1.97 12.23 -23.93
N MET A 101 0.96 11.60 -24.53
CA MET A 101 1.12 10.22 -24.98
C MET A 101 2.21 10.12 -26.04
N HIS A 102 2.30 11.16 -26.86
CA HIS A 102 3.31 11.21 -27.91
C HIS A 102 4.74 11.22 -27.33
N VAL A 103 4.91 11.94 -26.25
CA VAL A 103 6.18 12.10 -25.59
C VAL A 103 6.54 10.87 -24.77
N LEU A 104 5.52 10.24 -24.20
CA LEU A 104 5.67 9.03 -23.41
C LEU A 104 6.12 7.88 -24.29
N LYS A 105 5.68 7.88 -25.54
CA LYS A 105 5.98 6.79 -26.44
C LYS A 105 7.22 7.03 -27.26
N ALA A 106 7.85 8.19 -27.06
CA ALA A 106 9.05 8.57 -27.79
C ALA A 106 10.16 7.55 -27.56
N GLU A 107 11.04 7.41 -28.55
CA GLU A 107 12.13 6.45 -28.46
C GLU A 107 13.09 6.80 -27.32
N MET A 108 13.14 8.08 -26.97
CA MET A 108 13.99 8.56 -25.88
C MET A 108 13.29 8.48 -24.52
N SER A 109 14.02 8.03 -23.52
CA SER A 109 13.50 7.81 -22.17
C SER A 109 12.98 9.07 -21.49
N THR A 110 12.04 8.89 -20.56
CA THR A 110 11.57 9.99 -19.69
C THR A 110 11.74 9.60 -18.21
N PRO A 111 12.71 10.22 -17.53
CA PRO A 111 13.08 9.86 -16.15
C PRO A 111 11.96 10.02 -15.12
N LEU A 112 12.14 9.39 -13.97
CA LEU A 112 11.17 9.38 -12.90
C LEU A 112 10.91 10.73 -12.24
N SER A 113 11.96 11.50 -12.02
CA SER A 113 11.80 12.83 -11.42
C SER A 113 11.02 13.75 -12.35
N VAL A 114 11.25 13.58 -13.65
CA VAL A 114 10.54 14.33 -14.67
C VAL A 114 9.05 13.93 -14.74
N LYS A 115 8.77 12.64 -14.61
CA LYS A 115 7.39 12.18 -14.63
C LYS A 115 6.66 12.71 -13.39
N GLY A 116 7.39 12.76 -12.28
CA GLY A 116 6.84 13.30 -11.04
C GLY A 116 6.53 14.76 -11.18
N ARG A 117 7.37 15.47 -11.87
CA ARG A 117 7.19 16.87 -12.10
C ARG A 117 5.99 17.12 -12.98
N ILE A 118 5.84 16.29 -14.00
CA ILE A 118 4.72 16.39 -14.93
C ILE A 118 3.42 16.19 -14.19
N ILE A 119 3.42 15.20 -13.29
CA ILE A 119 2.26 14.96 -12.46
C ILE A 119 1.93 16.18 -11.60
N LEU A 120 2.97 16.76 -11.00
CA LEU A 120 2.77 17.94 -10.17
C LEU A 120 2.18 19.10 -10.97
N GLU A 121 2.73 19.37 -12.13
CA GLU A 121 2.20 20.39 -13.00
C GLU A 121 0.75 20.14 -13.44
N ILE A 122 0.42 18.89 -13.78
CA ILE A 122 -0.95 18.55 -14.15
C ILE A 122 -1.87 18.88 -12.97
N ILE A 123 -1.41 18.55 -11.77
CA ILE A 123 -2.19 18.82 -10.57
C ILE A 123 -2.41 20.33 -10.40
N GLU A 124 -1.36 21.13 -10.60
CA GLU A 124 -1.47 22.57 -10.47
C GLU A 124 -2.45 23.17 -11.49
N GLY A 125 -2.32 22.75 -12.74
CA GLY A 125 -3.22 23.19 -13.80
C GLY A 125 -4.67 22.84 -13.50
N MET A 126 -4.90 21.62 -13.04
CA MET A 126 -6.27 21.22 -12.76
C MET A 126 -6.84 22.01 -11.58
N ALA A 127 -6.01 22.23 -10.56
CA ALA A 127 -6.48 22.98 -9.39
C ALA A 127 -6.83 24.39 -9.80
N TYR A 128 -6.01 24.97 -10.67
CA TYR A 128 -6.31 26.33 -11.11
C TYR A 128 -7.64 26.34 -11.87
N LEU A 129 -7.82 25.38 -12.78
CA LEU A 129 -9.06 25.33 -13.55
C LEU A 129 -10.29 25.21 -12.65
N HIS A 130 -10.28 24.24 -11.74
CA HIS A 130 -11.41 24.08 -10.82
C HIS A 130 -11.60 25.33 -9.96
N GLY A 131 -10.48 25.99 -9.68
CA GLY A 131 -10.49 27.22 -8.92
C GLY A 131 -11.20 28.33 -9.66
N LYS A 132 -11.17 28.32 -10.97
CA LYS A 132 -11.93 29.27 -11.74
C LYS A 132 -13.32 28.75 -12.05
N GLY A 133 -13.69 27.67 -11.43
CA GLY A 133 -14.99 27.08 -11.63
C GLY A 133 -15.13 26.37 -12.97
N VAL A 134 -14.00 25.94 -13.54
CA VAL A 134 -14.07 25.23 -14.81
C VAL A 134 -13.82 23.74 -14.61
N ILE A 135 -14.78 22.93 -15.02
CA ILE A 135 -14.61 21.48 -15.01
C ILE A 135 -14.23 21.06 -16.42
N HIS A 136 -13.16 20.30 -16.54
CA HIS A 136 -12.67 19.95 -17.86
C HIS A 136 -13.63 19.05 -18.66
N LYS A 137 -14.03 17.96 -18.04
CA LYS A 137 -14.91 16.94 -18.61
C LYS A 137 -14.27 15.95 -19.54
N ASP A 138 -13.14 16.29 -20.11
CA ASP A 138 -12.47 15.34 -21.00
C ASP A 138 -10.95 15.33 -20.86
N LEU A 139 -10.46 15.28 -19.62
CA LEU A 139 -9.02 15.23 -19.40
C LEU A 139 -8.48 13.86 -19.84
N LYS A 140 -7.31 13.86 -20.47
CA LYS A 140 -6.73 12.67 -21.07
C LYS A 140 -5.38 13.07 -21.65
N PRO A 141 -4.50 12.11 -21.96
CA PRO A 141 -3.15 12.46 -22.43
C PRO A 141 -3.11 13.35 -23.66
N GLU A 142 -4.11 13.29 -24.51
CA GLU A 142 -4.16 14.12 -25.69
C GLU A 142 -4.38 15.55 -25.35
N ASN A 143 -4.96 15.79 -24.21
CA ASN A 143 -5.26 17.13 -23.75
C ASN A 143 -4.17 17.61 -22.80
N ILE A 144 -3.04 16.92 -22.81
CA ILE A 144 -1.90 17.35 -22.00
C ILE A 144 -0.71 17.65 -22.90
N LEU A 145 -0.44 18.93 -23.13
CA LEU A 145 0.57 19.30 -24.11
C LEU A 145 1.88 19.56 -23.43
N VAL A 146 2.97 19.44 -24.18
CA VAL A 146 4.32 19.38 -23.64
C VAL A 146 5.23 20.31 -24.42
N ASP A 147 6.04 21.11 -23.71
CA ASP A 147 6.98 21.98 -24.42
C ASP A 147 8.37 21.35 -24.51
N ASN A 148 9.32 22.09 -25.04
CA ASN A 148 10.64 21.55 -25.26
C ASN A 148 11.41 21.18 -24.01
N ASP A 149 11.06 21.76 -22.88
CA ASP A 149 11.72 21.40 -21.62
C ASP A 149 10.89 20.38 -20.83
N PHE A 150 9.91 19.78 -21.49
CA PHE A 150 9.05 18.78 -20.86
C PHE A 150 8.24 19.37 -19.71
N HIS A 151 7.88 20.64 -19.86
CA HIS A 151 6.88 21.27 -19.02
C HIS A 151 5.55 21.11 -19.73
N ILE A 152 4.49 20.92 -18.96
CA ILE A 152 3.21 20.66 -19.57
C ILE A 152 2.19 21.78 -19.39
N LYS A 153 1.17 21.78 -20.24
CA LYS A 153 0.01 22.62 -20.06
C LYS A 153 -1.23 21.82 -20.39
N ILE A 154 -2.30 22.04 -19.63
CA ILE A 154 -3.55 21.39 -19.90
C ILE A 154 -4.30 22.09 -21.05
N ALA A 155 -4.85 21.30 -21.96
CA ALA A 155 -5.63 21.88 -23.06
C ALA A 155 -7.02 21.27 -23.08
N ASP A 156 -7.87 21.83 -23.95
CA ASP A 156 -9.20 21.27 -24.20
C ASP A 156 -9.47 21.35 -25.70
N LEU A 157 -8.73 20.53 -26.46
CA LEU A 157 -8.74 20.62 -27.91
C LEU A 157 -10.07 20.18 -28.51
N GLY A 158 -10.84 19.38 -27.78
CA GLY A 158 -12.18 18.99 -28.20
C GLY A 158 -13.31 19.90 -27.72
N LEU A 159 -12.96 20.97 -27.02
CA LEU A 159 -13.93 21.94 -26.51
C LEU A 159 -14.97 21.35 -25.55
N ALA A 160 -14.60 20.33 -24.78
CA ALA A 160 -15.53 19.72 -23.83
C ALA A 160 -16.01 20.72 -22.77
N SER A 161 -15.20 21.74 -22.47
CA SER A 161 -15.54 22.65 -21.40
C SER A 161 -16.45 23.76 -21.93
N PHE A 162 -16.64 23.77 -23.24
CA PHE A 162 -17.41 24.82 -23.91
C PHE A 162 -18.87 24.41 -24.02
N LYS A 163 -19.73 25.39 -24.27
CA LYS A 163 -21.14 25.15 -24.50
C LYS A 163 -21.48 25.57 -25.92
N MET A 164 -21.28 26.85 -26.23
CA MET A 164 -21.64 27.38 -27.54
C MET A 164 -20.67 27.01 -28.66
N TRP A 165 -19.38 26.90 -28.34
CA TRP A 165 -18.39 26.60 -29.37
C TRP A 165 -18.34 25.12 -29.75
N SER A 166 -18.68 24.24 -28.81
CA SER A 166 -18.63 22.80 -29.09
C SER A 166 -19.75 22.33 -30.03
N LYS A 167 -20.90 22.99 -29.96
CA LYS A 167 -22.05 22.65 -30.79
C LYS A 167 -21.69 22.69 -32.27
N LEU A 168 -21.44 23.89 -32.78
CA LEU A 168 -21.09 24.08 -34.18
C LEU A 168 -20.27 22.89 -34.70
N GLY A 188 -15.69 9.17 -29.15
CA GLY A 188 -14.26 9.24 -28.82
C GLY A 188 -13.87 8.19 -27.79
N THR A 189 -12.60 8.04 -27.47
CA THR A 189 -12.22 7.01 -26.49
C THR A 189 -12.63 7.40 -25.07
N LEU A 190 -13.06 6.41 -24.29
CA LEU A 190 -13.57 6.67 -22.96
C LEU A 190 -12.68 6.05 -21.91
N TYR A 191 -11.42 5.81 -22.23
CA TYR A 191 -10.54 5.13 -21.28
C TYR A 191 -10.38 5.97 -20.01
N TYR A 192 -10.53 7.29 -20.16
CA TYR A 192 -10.25 8.21 -19.08
C TYR A 192 -11.57 8.78 -18.49
N MET A 193 -12.69 8.17 -18.81
CA MET A 193 -13.99 8.71 -18.39
C MET A 193 -14.55 8.03 -17.13
N ALA A 194 -14.93 8.84 -16.16
CA ALA A 194 -15.46 8.34 -14.90
C ALA A 194 -16.67 7.46 -15.16
N PRO A 195 -16.79 6.38 -14.40
CA PRO A 195 -17.88 5.43 -14.58
C PRO A 195 -19.26 6.07 -14.51
N GLU A 196 -19.45 7.09 -13.68
CA GLU A 196 -20.81 7.69 -13.55
C GLU A 196 -21.24 8.34 -14.86
N HIS A 197 -20.28 8.62 -15.74
CA HIS A 197 -20.61 9.14 -17.06
C HIS A 197 -20.81 8.04 -18.12
N LEU A 198 -20.14 6.92 -17.92
CA LEU A 198 -20.32 5.77 -18.81
C LEU A 198 -21.79 5.32 -18.79
N ASN A 199 -22.41 5.27 -19.96
CA ASN A 199 -23.82 4.93 -20.09
C ASN A 199 -24.76 5.83 -19.30
N ASP A 200 -24.35 7.09 -19.07
CA ASP A 200 -25.24 8.08 -18.47
C ASP A 200 -24.88 9.50 -18.90
N VAL A 201 -25.43 9.94 -20.02
CA VAL A 201 -25.04 11.21 -20.59
C VAL A 201 -25.74 12.41 -19.99
N ASN A 202 -26.63 12.19 -19.03
CA ASN A 202 -27.38 13.29 -18.46
C ASN A 202 -26.86 13.74 -17.09
N ALA A 203 -26.22 12.84 -16.39
CA ALA A 203 -25.60 13.19 -15.13
C ALA A 203 -24.60 14.31 -15.34
N LYS A 204 -24.58 15.24 -14.40
CA LYS A 204 -23.75 16.40 -14.47
C LYS A 204 -22.35 16.07 -13.99
N PRO A 205 -21.34 16.45 -14.75
CA PRO A 205 -19.96 16.17 -14.41
C PRO A 205 -19.45 17.07 -13.34
N THR A 206 -18.67 16.56 -12.41
CA THR A 206 -18.16 17.35 -11.33
C THR A 206 -16.65 17.39 -11.35
N GLU A 207 -16.04 17.98 -10.34
CA GLU A 207 -14.58 18.02 -10.22
C GLU A 207 -14.01 16.60 -10.09
N LYS A 208 -14.76 15.78 -9.38
CA LYS A 208 -14.42 14.37 -9.22
C LYS A 208 -14.31 13.61 -10.55
N SER A 209 -15.09 14.01 -11.55
CA SER A 209 -14.99 13.40 -12.89
C SER A 209 -13.56 13.52 -13.44
N ASP A 210 -13.05 14.75 -13.35
CA ASP A 210 -11.69 15.12 -13.75
C ASP A 210 -10.65 14.41 -12.87
N VAL A 211 -10.98 14.21 -11.59
CA VAL A 211 -10.06 13.43 -10.74
C VAL A 211 -9.92 11.96 -11.22
N TYR A 212 -11.04 11.37 -11.66
CA TYR A 212 -10.97 10.01 -12.20
C TYR A 212 -10.07 9.97 -13.46
N SER A 213 -10.36 10.90 -14.38
CA SER A 213 -9.51 10.99 -15.56
C SER A 213 -8.02 11.09 -15.18
N PHE A 214 -7.72 11.99 -14.23
CA PHE A 214 -6.36 12.15 -13.68
C PHE A 214 -5.77 10.81 -13.23
N ALA A 215 -6.59 9.98 -12.57
CA ALA A 215 -6.13 8.66 -12.12
C ALA A 215 -5.61 7.83 -13.29
N VAL A 216 -6.47 7.78 -14.32
CA VAL A 216 -6.04 6.99 -15.48
C VAL A 216 -4.80 7.57 -16.18
N VAL A 217 -4.69 8.88 -16.19
CA VAL A 217 -3.53 9.52 -16.72
C VAL A 217 -2.27 9.16 -15.97
N LEU A 218 -2.33 9.06 -14.64
CA LEU A 218 -1.18 8.59 -13.82
C LEU A 218 -0.76 7.22 -14.33
N TRP A 219 -1.76 6.34 -14.45
CA TRP A 219 -1.46 5.01 -14.98
C TRP A 219 -0.71 5.08 -16.32
N ALA A 220 -1.27 5.82 -17.28
CA ALA A 220 -0.67 5.94 -18.59
C ALA A 220 0.74 6.49 -18.53
N ILE A 221 1.00 7.36 -17.55
CA ILE A 221 2.27 8.02 -17.45
C ILE A 221 3.29 6.96 -17.08
N PHE A 222 2.88 6.03 -16.20
CA PHE A 222 3.84 4.98 -15.86
C PHE A 222 3.93 3.74 -16.78
N ALA A 223 2.87 3.47 -17.54
CA ALA A 223 2.89 2.33 -18.46
C ALA A 223 3.39 2.72 -19.86
N ASN A 224 3.41 4.02 -20.14
CA ASN A 224 3.80 4.50 -21.48
C ASN A 224 2.92 4.02 -22.61
N LYS A 225 1.63 3.86 -22.33
CA LYS A 225 0.67 3.45 -23.33
C LYS A 225 -0.76 3.61 -22.82
N GLU A 226 -1.73 3.32 -23.70
CA GLU A 226 -3.15 3.29 -23.37
C GLU A 226 -3.47 2.03 -22.58
N PRO A 227 -4.39 2.13 -21.61
CA PRO A 227 -4.86 0.97 -20.84
C PRO A 227 -5.80 0.07 -21.62
N TYR A 228 -6.13 -1.09 -21.06
CA TYR A 228 -7.18 -1.92 -21.61
C TYR A 228 -6.89 -2.49 -22.99
N GLU A 229 -5.63 -2.76 -23.31
CA GLU A 229 -5.33 -3.31 -24.64
C GLU A 229 -5.95 -4.70 -24.90
N ASN A 230 -6.26 -5.42 -23.83
CA ASN A 230 -6.85 -6.76 -23.94
C ASN A 230 -8.38 -6.79 -24.08
N ALA A 231 -9.02 -5.63 -24.22
CA ALA A 231 -10.47 -5.56 -24.17
C ALA A 231 -11.13 -6.24 -25.38
N ILE A 232 -12.24 -6.94 -25.15
CA ILE A 232 -12.93 -7.62 -26.25
C ILE A 232 -13.59 -6.62 -27.17
N ALA A 233 -14.40 -5.75 -26.58
CA ALA A 233 -15.12 -4.74 -27.34
C ALA A 233 -15.56 -3.64 -26.39
N GLU A 234 -15.95 -2.49 -26.94
CA GLU A 234 -16.19 -1.32 -26.11
C GLU A 234 -17.39 -1.47 -25.16
N GLN A 235 -18.45 -2.14 -25.61
CA GLN A 235 -19.64 -2.35 -24.79
C GLN A 235 -19.35 -3.08 -23.48
N GLN A 236 -18.76 -4.26 -23.63
CA GLN A 236 -18.34 -5.10 -22.51
C GLN A 236 -17.28 -4.41 -21.65
N LEU A 237 -16.40 -3.65 -22.30
CA LEU A 237 -15.39 -2.91 -21.55
C LEU A 237 -16.06 -1.87 -20.62
N ILE A 238 -17.03 -1.16 -21.18
CA ILE A 238 -17.80 -0.14 -20.46
C ILE A 238 -18.52 -0.76 -19.27
N MET A 239 -19.20 -1.88 -19.49
CA MET A 239 -19.84 -2.57 -18.36
C MET A 239 -18.82 -3.00 -17.31
N ALA A 240 -17.67 -3.48 -17.77
CA ALA A 240 -16.63 -3.95 -16.85
C ALA A 240 -16.11 -2.84 -15.95
N ILE A 241 -15.78 -1.70 -16.54
CA ILE A 241 -15.30 -0.52 -15.79
C ILE A 241 -16.39 0.02 -14.87
N LYS A 242 -17.62 0.06 -15.37
CA LYS A 242 -18.75 0.44 -14.51
C LYS A 242 -18.87 -0.49 -13.30
N SER A 243 -18.51 -1.76 -13.48
CA SER A 243 -18.57 -2.70 -12.35
C SER A 243 -17.26 -2.80 -11.56
N GLY A 244 -16.30 -1.92 -11.86
CA GLY A 244 -15.09 -1.85 -11.06
C GLY A 244 -13.74 -2.18 -11.70
N ASN A 245 -13.74 -2.71 -12.93
CA ASN A 245 -12.49 -2.94 -13.64
C ASN A 245 -11.72 -1.63 -13.89
N ARG A 246 -10.40 -1.70 -13.79
CA ARG A 246 -9.51 -0.56 -13.82
C ARG A 246 -8.23 -0.95 -14.59
N PRO A 247 -7.37 0.03 -14.96
CA PRO A 247 -6.17 -0.32 -15.72
C PRO A 247 -5.28 -1.33 -14.99
N ASP A 248 -4.73 -2.26 -15.76
CA ASP A 248 -3.91 -3.34 -15.20
C ASP A 248 -2.62 -2.78 -14.63
N VAL A 249 -2.55 -2.68 -13.31
CA VAL A 249 -1.33 -2.21 -12.66
C VAL A 249 -0.10 -3.09 -12.97
N ASP A 250 -0.30 -4.40 -13.13
CA ASP A 250 0.79 -5.30 -13.50
C ASP A 250 1.38 -4.96 -14.85
N ASP A 251 0.63 -4.21 -15.65
CA ASP A 251 1.12 -3.84 -16.96
C ASP A 251 2.00 -2.62 -16.89
N ILE A 252 2.23 -2.14 -15.67
CA ILE A 252 3.27 -1.15 -15.41
C ILE A 252 4.54 -1.94 -15.14
N THR A 253 5.42 -1.99 -16.14
CA THR A 253 6.64 -2.78 -16.01
C THR A 253 7.80 -2.01 -15.39
N GLU A 254 8.03 -0.77 -15.84
CA GLU A 254 9.08 0.06 -15.25
C GLU A 254 8.74 0.44 -13.80
N TYR A 255 9.73 0.94 -13.07
CA TYR A 255 9.53 1.33 -11.68
C TYR A 255 8.52 2.47 -11.51
N CYS A 256 7.52 2.23 -10.67
CA CYS A 256 6.59 3.28 -10.25
C CYS A 256 6.36 3.18 -8.74
N PRO A 257 6.66 4.26 -7.99
CA PRO A 257 6.55 4.28 -6.53
C PRO A 257 5.22 3.74 -6.06
N ARG A 258 5.18 3.10 -4.92
CA ARG A 258 3.97 2.49 -4.46
C ARG A 258 2.90 3.48 -4.11
N GLU A 259 3.29 4.69 -3.76
CA GLU A 259 2.33 5.71 -3.32
C GLU A 259 1.64 6.46 -4.47
N ILE A 260 2.22 6.39 -5.66
CA ILE A 260 1.59 6.90 -6.85
C ILE A 260 0.58 5.87 -7.32
N ILE A 261 0.91 4.60 -7.09
CA ILE A 261 -0.03 3.51 -7.37
C ILE A 261 -1.22 3.66 -6.43
N SER A 262 -0.91 3.99 -5.17
CA SER A 262 -1.94 4.31 -4.19
C SER A 262 -2.79 5.50 -4.60
N LEU A 263 -2.15 6.55 -5.09
CA LEU A 263 -2.85 7.76 -5.47
C LEU A 263 -3.80 7.48 -6.63
N MET A 264 -3.31 6.76 -7.62
CA MET A 264 -4.11 6.44 -8.77
C MET A 264 -5.30 5.57 -8.35
N LYS A 265 -5.09 4.67 -7.37
CA LYS A 265 -6.20 3.85 -6.88
C LYS A 265 -7.25 4.65 -6.11
N LEU A 266 -6.78 5.63 -5.34
CA LEU A 266 -7.68 6.53 -4.63
C LEU A 266 -8.52 7.35 -5.64
N CYS A 267 -7.84 7.91 -6.63
CA CYS A 267 -8.46 8.80 -7.58
C CYS A 267 -9.42 8.13 -8.56
N TRP A 268 -9.31 6.83 -8.78
CA TRP A 268 -10.30 6.17 -9.64
C TRP A 268 -11.33 5.33 -8.88
N GLU A 269 -11.51 5.65 -7.61
CA GLU A 269 -12.55 5.05 -6.79
C GLU A 269 -13.91 5.20 -7.46
N ALA A 270 -14.73 4.16 -7.35
CA ALA A 270 -16.04 4.14 -7.98
C ALA A 270 -16.94 5.25 -7.46
N ASN A 271 -16.95 5.41 -6.14
CA ASN A 271 -17.71 6.50 -5.53
C ASN A 271 -16.96 7.82 -5.71
N PRO A 272 -17.61 8.81 -6.36
CA PRO A 272 -16.96 10.10 -6.60
C PRO A 272 -16.51 10.79 -5.31
N GLU A 273 -17.27 10.61 -4.24
CA GLU A 273 -16.99 11.30 -2.99
C GLU A 273 -15.81 10.66 -2.26
N ALA A 274 -15.42 9.47 -2.70
CA ALA A 274 -14.22 8.84 -2.16
C ALA A 274 -12.94 9.33 -2.86
N ARG A 275 -13.10 10.06 -3.96
CA ARG A 275 -11.93 10.65 -4.65
C ARG A 275 -11.62 11.98 -4.01
N PRO A 276 -10.32 12.31 -3.87
CA PRO A 276 -9.89 13.63 -3.36
C PRO A 276 -10.10 14.75 -4.40
N THR A 277 -10.14 15.99 -3.93
CA THR A 277 -10.10 17.13 -4.84
C THR A 277 -8.66 17.34 -5.32
N PHE A 278 -8.47 18.15 -6.36
CA PHE A 278 -7.10 18.46 -6.76
C PHE A 278 -6.28 19.22 -5.71
N PRO A 279 -6.87 20.18 -4.97
CA PRO A 279 -6.05 20.76 -3.89
C PRO A 279 -5.64 19.72 -2.85
N GLY A 280 -6.50 18.74 -2.57
CA GLY A 280 -6.15 17.67 -1.63
C GLY A 280 -5.00 16.84 -2.14
N ILE A 281 -5.10 16.48 -3.43
CA ILE A 281 -4.04 15.76 -4.09
C ILE A 281 -2.76 16.54 -3.97
N GLU A 282 -2.79 17.85 -4.23
CA GLU A 282 -1.56 18.62 -4.20
C GLU A 282 -0.98 18.60 -2.80
N GLU A 283 -1.84 18.87 -1.83
CA GLU A 283 -1.53 18.85 -0.41
C GLU A 283 -0.73 17.61 -0.05
N LYS A 284 -1.11 16.46 -0.61
CA LYS A 284 -0.34 15.26 -0.38
C LYS A 284 0.92 15.13 -1.26
N PHE A 285 0.77 15.38 -2.55
CA PHE A 285 1.74 15.00 -3.57
C PHE A 285 2.93 15.91 -3.64
N ARG A 286 2.74 17.19 -3.37
CA ARG A 286 3.85 18.13 -3.47
C ARG A 286 4.96 17.84 -2.46
N PRO A 287 4.61 17.68 -1.16
CA PRO A 287 5.72 17.39 -0.24
C PRO A 287 6.30 16.00 -0.49
N PHE A 288 5.51 15.09 -1.07
CA PHE A 288 6.06 13.79 -1.45
C PHE A 288 7.04 13.93 -2.59
N TYR A 289 6.64 14.67 -3.61
CA TYR A 289 7.47 14.87 -4.80
C TYR A 289 8.82 15.48 -4.44
N LEU A 290 8.79 16.55 -3.64
CA LEU A 290 10.01 17.22 -3.25
C LEU A 290 10.90 16.26 -2.47
N SER A 291 10.30 15.60 -1.49
CA SER A 291 11.05 14.85 -0.52
C SER A 291 11.59 13.51 -1.01
N GLN A 292 11.05 12.99 -2.12
CA GLN A 292 11.53 11.71 -2.61
C GLN A 292 11.88 11.71 -4.09
N LEU A 293 11.40 12.70 -4.84
CA LEU A 293 11.43 12.63 -6.29
C LEU A 293 12.24 13.74 -6.95
N GLU A 294 12.14 14.95 -6.40
CA GLU A 294 12.79 16.10 -7.02
C GLU A 294 14.30 16.04 -6.82
N LEU B 7 14.84 -17.04 40.24
CA LEU B 7 14.39 -16.58 38.93
C LEU B 7 15.14 -17.29 37.80
N ASN B 8 16.10 -18.14 38.18
CA ASN B 8 16.82 -18.95 37.19
C ASN B 8 15.99 -20.15 36.77
N VAL B 9 16.53 -20.96 35.86
CA VAL B 9 15.87 -22.16 35.41
C VAL B 9 15.62 -23.07 36.60
N ILE B 10 14.39 -23.55 36.72
CA ILE B 10 14.09 -24.55 37.73
C ILE B 10 14.18 -25.94 37.09
N LYS B 11 15.06 -26.78 37.64
CA LYS B 11 15.13 -28.15 37.19
C LYS B 11 13.87 -28.80 37.70
N MET B 12 12.94 -29.06 36.78
CA MET B 12 11.65 -29.59 37.14
C MET B 12 11.59 -31.11 36.92
N LYS B 13 10.54 -31.73 37.46
CA LYS B 13 10.33 -33.16 37.33
C LYS B 13 8.92 -33.42 36.84
N SER B 14 8.73 -34.50 36.08
CA SER B 14 7.39 -34.86 35.62
C SER B 14 6.47 -35.04 36.82
N SER B 15 7.03 -35.49 37.94
CA SER B 15 6.23 -35.70 39.14
C SER B 15 5.93 -34.39 39.88
N ASP B 16 6.44 -33.27 39.37
CA ASP B 16 6.06 -31.96 39.90
C ASP B 16 4.69 -31.51 39.39
N PHE B 17 4.17 -32.20 38.37
CA PHE B 17 2.91 -31.79 37.74
C PHE B 17 1.84 -32.84 37.97
N LEU B 18 0.63 -32.37 38.27
CA LEU B 18 -0.49 -33.24 38.52
C LEU B 18 -0.73 -34.12 37.34
N GLU B 19 -1.22 -35.32 37.59
CA GLU B 19 -1.46 -36.25 36.53
C GLU B 19 -2.56 -35.71 35.65
N SER B 20 -2.24 -35.50 34.36
CA SER B 20 -3.21 -34.97 33.41
C SER B 20 -2.75 -33.64 32.84
N ALA B 21 -2.30 -33.66 31.58
CA ALA B 21 -1.83 -32.45 30.92
C ALA B 21 -2.65 -32.17 29.66
N GLU B 22 -3.56 -31.19 29.77
CA GLU B 22 -4.41 -30.82 28.65
C GLU B 22 -3.58 -30.54 27.40
N LEU B 23 -3.64 -31.46 26.44
CA LEU B 23 -2.90 -31.32 25.20
C LEU B 23 -3.75 -30.67 24.12
N LYS B 30 3.47 -32.13 21.75
CA LYS B 30 3.11 -30.75 21.44
C LYS B 30 3.01 -29.91 22.72
N VAL B 31 2.29 -28.79 22.61
CA VAL B 31 2.10 -27.86 23.73
C VAL B 31 0.84 -28.22 24.50
N SER B 32 0.95 -28.25 25.81
CA SER B 32 -0.19 -28.60 26.66
C SER B 32 -0.24 -27.70 27.88
N LEU B 33 -1.38 -27.70 28.54
CA LEU B 33 -1.48 -27.03 29.82
C LEU B 33 -1.08 -28.01 30.92
N ALA B 34 -0.24 -27.56 31.83
CA ALA B 34 0.17 -28.39 32.94
C ALA B 34 -0.11 -27.69 34.28
N PHE B 35 -0.46 -28.45 35.31
CA PHE B 35 -0.62 -27.85 36.63
C PHE B 35 0.50 -28.29 37.58
N HIS B 36 1.41 -27.36 37.84
CA HIS B 36 2.47 -27.54 38.82
C HIS B 36 1.85 -27.52 40.21
N ARG B 37 2.24 -28.48 41.04
CA ARG B 37 1.71 -28.61 42.39
C ARG B 37 1.95 -27.36 43.23
N THR B 38 3.20 -26.91 43.26
CA THR B 38 3.57 -25.76 44.05
C THR B 38 3.04 -24.47 43.44
N GLN B 39 3.30 -24.27 42.16
CA GLN B 39 3.12 -22.95 41.56
C GLN B 39 2.15 -22.85 40.39
N GLY B 40 1.15 -23.72 40.36
CA GLY B 40 -0.02 -23.51 39.52
C GLY B 40 0.10 -23.74 38.02
N LEU B 41 -0.71 -23.06 37.24
CA LEU B 41 -0.80 -23.28 35.81
C LEU B 41 0.47 -22.88 35.07
N MET B 42 0.92 -23.73 34.18
CA MET B 42 2.02 -23.43 33.26
C MET B 42 1.77 -24.07 31.91
N ILE B 43 2.58 -23.69 30.92
CA ILE B 43 2.53 -24.27 29.59
C ILE B 43 3.69 -25.20 29.43
N MET B 44 3.42 -26.44 29.02
CA MET B 44 4.47 -27.41 28.82
C MET B 44 4.65 -27.77 27.36
N LYS B 45 5.88 -27.69 26.88
CA LYS B 45 6.20 -28.16 25.54
C LYS B 45 7.06 -29.41 25.69
N THR B 46 6.44 -30.58 25.63
CA THR B 46 7.21 -31.82 25.64
C THR B 46 7.97 -31.92 24.31
N VAL B 47 9.28 -32.04 24.40
CA VAL B 47 10.13 -31.94 23.22
C VAL B 47 10.59 -33.32 22.76
N TYR B 48 10.85 -34.22 23.69
CA TYR B 48 11.32 -35.53 23.34
C TYR B 48 10.77 -36.57 24.26
N LYS B 49 10.18 -37.62 23.68
CA LYS B 49 9.87 -38.83 24.39
C LYS B 49 10.45 -39.99 23.59
N GLY B 50 11.36 -40.72 24.21
CA GLY B 50 11.99 -41.85 23.58
C GLY B 50 12.93 -42.53 24.55
N PRO B 51 13.97 -43.17 24.02
CA PRO B 51 14.94 -43.87 24.86
C PRO B 51 16.05 -42.94 25.34
N ASN B 52 16.77 -43.35 26.39
CA ASN B 52 17.85 -42.54 26.94
C ASN B 52 19.05 -42.48 26.00
N CYS B 53 18.80 -42.11 24.74
CA CYS B 53 19.86 -42.00 23.75
C CYS B 53 20.42 -40.59 23.67
N ILE B 54 19.73 -39.65 24.33
CA ILE B 54 20.15 -38.26 24.34
C ILE B 54 21.46 -38.08 25.11
N GLU B 55 22.41 -37.38 24.51
CA GLU B 55 23.70 -37.14 25.14
C GLU B 55 23.96 -35.66 25.33
N HIS B 56 23.33 -34.84 24.50
CA HIS B 56 23.55 -33.39 24.52
C HIS B 56 22.93 -32.73 25.75
N ASN B 57 22.97 -33.42 26.88
CA ASN B 57 22.33 -32.97 28.11
C ASN B 57 22.79 -31.60 28.61
N GLU B 58 24.08 -31.49 28.90
CA GLU B 58 24.63 -30.28 29.49
C GLU B 58 24.51 -29.07 28.57
N ALA B 59 24.58 -29.32 27.26
CA ALA B 59 24.42 -28.24 26.29
C ALA B 59 22.94 -27.85 26.15
N LEU B 60 22.05 -28.82 26.31
CA LEU B 60 20.62 -28.52 26.32
C LEU B 60 20.33 -27.62 27.51
N LEU B 61 20.84 -28.00 28.68
CA LEU B 61 20.69 -27.18 29.88
C LEU B 61 21.26 -25.79 29.65
N GLU B 62 22.40 -25.72 29.00
CA GLU B 62 23.05 -24.44 28.78
C GLU B 62 22.22 -23.54 27.88
N GLU B 63 21.65 -24.14 26.86
CA GLU B 63 20.76 -23.38 25.98
C GLU B 63 19.55 -22.90 26.78
N ALA B 64 19.02 -23.79 27.63
CA ALA B 64 17.89 -23.47 28.49
C ALA B 64 18.16 -22.25 29.36
N LYS B 65 19.31 -22.23 30.04
CA LYS B 65 19.69 -21.09 30.90
C LYS B 65 19.86 -19.82 30.09
N MET B 66 20.46 -19.98 28.90
CA MET B 66 20.56 -18.86 27.98
C MET B 66 19.19 -18.26 27.64
N MET B 67 18.21 -19.11 27.34
CA MET B 67 16.87 -18.63 26.97
C MET B 67 16.07 -18.12 28.19
N ASN B 68 16.33 -18.72 29.34
CA ASN B 68 15.74 -18.32 30.61
C ASN B 68 16.25 -16.93 31.01
N ARG B 69 17.26 -16.45 30.34
CA ARG B 69 17.70 -15.11 30.52
C ARG B 69 16.85 -14.10 29.78
N LEU B 70 15.96 -14.57 28.91
CA LEU B 70 15.02 -13.66 28.25
C LEU B 70 13.91 -13.30 29.24
N ARG B 71 14.05 -12.14 29.86
CA ARG B 71 13.22 -11.73 30.98
C ARG B 71 12.61 -10.34 30.72
N HIS B 72 11.32 -10.32 30.45
CA HIS B 72 10.64 -9.09 30.05
C HIS B 72 9.12 -9.26 30.16
N SER B 73 8.43 -8.15 30.38
CA SER B 73 7.00 -8.17 30.60
C SER B 73 6.24 -8.66 29.37
N ARG B 74 6.87 -8.55 28.21
CA ARG B 74 6.21 -8.87 26.94
C ARG B 74 6.81 -10.12 26.28
N VAL B 75 7.49 -10.92 27.09
CA VAL B 75 8.12 -12.12 26.59
C VAL B 75 7.79 -13.29 27.49
N VAL B 76 7.19 -14.33 26.94
CA VAL B 76 6.89 -15.54 27.69
C VAL B 76 8.18 -16.18 28.21
N LYS B 77 8.31 -16.26 29.53
CA LYS B 77 9.52 -16.72 30.19
C LYS B 77 9.62 -18.24 30.25
N LEU B 78 10.80 -18.76 29.99
CA LEU B 78 11.11 -20.17 30.27
C LEU B 78 11.35 -20.31 31.76
N LEU B 79 10.42 -20.94 32.46
CA LEU B 79 10.48 -21.09 33.91
C LEU B 79 11.22 -22.36 34.31
N GLY B 80 11.09 -23.39 33.49
CA GLY B 80 11.60 -24.69 33.87
C GLY B 80 11.96 -25.58 32.70
N VAL B 81 12.61 -26.68 33.03
CA VAL B 81 13.02 -27.66 32.05
C VAL B 81 12.93 -29.03 32.70
N ILE B 82 12.41 -30.00 31.96
CA ILE B 82 12.38 -31.39 32.42
C ILE B 82 13.53 -32.10 31.73
N ILE B 83 14.50 -32.57 32.50
CA ILE B 83 15.59 -33.34 31.93
C ILE B 83 15.69 -34.71 32.59
N GLU B 84 15.08 -35.69 31.95
CA GLU B 84 14.92 -37.02 32.46
C GLU B 84 15.29 -38.06 31.41
N GLU B 85 15.58 -39.28 31.82
CA GLU B 85 15.90 -40.30 30.86
C GLU B 85 14.71 -40.52 29.96
N GLY B 86 14.90 -40.23 28.69
CA GLY B 86 13.85 -40.39 27.71
C GLY B 86 12.92 -39.19 27.58
N LYS B 87 12.91 -38.33 28.58
CA LYS B 87 11.95 -37.25 28.67
C LYS B 87 12.55 -35.88 28.61
N TYR B 88 12.07 -35.06 27.69
CA TYR B 88 12.60 -33.70 27.59
C TYR B 88 11.52 -32.66 27.30
N SER B 89 11.40 -31.68 28.18
CA SER B 89 10.34 -30.68 28.08
C SER B 89 10.79 -29.31 28.52
N LEU B 90 10.17 -28.30 27.90
CA LEU B 90 10.33 -26.91 28.30
C LEU B 90 9.04 -26.46 28.95
N VAL B 91 9.18 -25.71 30.04
CA VAL B 91 8.03 -25.24 30.80
C VAL B 91 7.97 -23.71 30.83
N MET B 92 6.90 -23.15 30.30
CA MET B 92 6.79 -21.69 30.16
C MET B 92 5.64 -21.16 30.99
N GLU B 93 5.66 -19.86 31.23
CA GLU B 93 4.60 -19.20 31.97
C GLU B 93 3.29 -19.21 31.17
N TYR B 94 2.18 -19.14 31.90
CA TYR B 94 0.87 -19.39 31.34
C TYR B 94 0.15 -18.09 30.97
N MET B 95 -0.54 -18.09 29.82
CA MET B 95 -1.38 -16.96 29.43
C MET B 95 -2.84 -17.43 29.26
N GLU B 96 -3.71 -16.97 30.14
CA GLU B 96 -5.04 -17.53 30.33
C GLU B 96 -5.94 -17.47 29.10
N LYS B 97 -5.71 -16.50 28.21
CA LYS B 97 -6.59 -16.29 27.06
C LYS B 97 -6.10 -16.82 25.71
N GLY B 98 -5.12 -17.73 25.72
CA GLY B 98 -4.68 -18.37 24.49
C GLY B 98 -3.86 -17.45 23.60
N ASN B 99 -3.79 -17.77 22.32
CA ASN B 99 -3.01 -16.98 21.37
C ASN B 99 -3.85 -15.86 20.75
N LEU B 100 -3.19 -14.96 20.04
CA LEU B 100 -3.80 -13.73 19.57
C LEU B 100 -4.92 -13.94 18.54
N MET B 101 -4.72 -14.88 17.61
CA MET B 101 -5.70 -15.14 16.57
C MET B 101 -6.98 -15.64 17.23
N HIS B 102 -6.81 -16.44 18.27
CA HIS B 102 -7.95 -16.92 19.01
C HIS B 102 -8.73 -15.80 19.67
N VAL B 103 -8.07 -14.76 20.18
CA VAL B 103 -8.88 -13.69 20.77
C VAL B 103 -9.50 -12.79 19.71
N LEU B 104 -8.77 -12.55 18.62
CA LEU B 104 -9.29 -11.78 17.48
C LEU B 104 -10.53 -12.44 16.87
N LYS B 105 -10.61 -13.77 16.96
CA LYS B 105 -11.74 -14.45 16.36
C LYS B 105 -12.91 -14.61 17.32
N ALA B 106 -12.72 -14.24 18.58
CA ALA B 106 -13.80 -14.33 19.57
C ALA B 106 -15.01 -13.53 19.13
N GLU B 107 -16.19 -13.95 19.59
CA GLU B 107 -17.44 -13.28 19.24
C GLU B 107 -17.47 -11.86 19.81
N MET B 108 -16.95 -11.73 21.03
CA MET B 108 -16.80 -10.44 21.67
C MET B 108 -15.73 -9.62 20.96
N SER B 109 -16.06 -8.36 20.67
CA SER B 109 -15.15 -7.48 19.96
C SER B 109 -13.99 -7.04 20.84
N THR B 110 -12.92 -6.59 20.18
CA THR B 110 -11.76 -6.04 20.86
C THR B 110 -11.59 -4.61 20.38
N PRO B 111 -11.82 -3.64 21.26
CA PRO B 111 -11.87 -2.23 20.85
C PRO B 111 -10.52 -1.73 20.34
N LEU B 112 -10.55 -0.64 19.59
CA LEU B 112 -9.35 -0.05 19.00
C LEU B 112 -8.24 0.22 20.04
N SER B 113 -8.63 0.64 21.23
CA SER B 113 -7.66 1.04 22.23
C SER B 113 -6.81 -0.15 22.68
N VAL B 114 -7.49 -1.29 22.86
CA VAL B 114 -6.85 -2.56 23.20
C VAL B 114 -5.97 -3.07 22.06
N LYS B 115 -6.44 -2.99 20.82
CA LYS B 115 -5.61 -3.40 19.69
C LYS B 115 -4.36 -2.55 19.59
N GLY B 116 -4.50 -1.24 19.82
CA GLY B 116 -3.34 -0.36 19.79
C GLY B 116 -2.33 -0.72 20.88
N ARG B 117 -2.86 -1.08 22.05
CA ARG B 117 -2.01 -1.45 23.17
C ARG B 117 -1.28 -2.75 22.87
N ILE B 118 -2.01 -3.73 22.37
CA ILE B 118 -1.45 -5.00 21.96
C ILE B 118 -0.32 -4.80 20.95
N ILE B 119 -0.54 -3.91 20.00
CA ILE B 119 0.49 -3.62 19.01
C ILE B 119 1.74 -3.03 19.69
N LEU B 120 1.50 -2.09 20.59
CA LEU B 120 2.60 -1.41 21.25
C LEU B 120 3.44 -2.42 22.06
N GLU B 121 2.75 -3.34 22.72
CA GLU B 121 3.37 -4.41 23.52
C GLU B 121 4.13 -5.43 22.66
N ILE B 122 3.60 -5.74 21.47
CA ILE B 122 4.35 -6.59 20.58
C ILE B 122 5.65 -5.90 20.20
N ILE B 123 5.57 -4.62 19.86
CA ILE B 123 6.75 -3.86 19.51
C ILE B 123 7.78 -3.83 20.65
N GLU B 124 7.32 -3.62 21.90
CA GLU B 124 8.23 -3.61 23.03
C GLU B 124 8.90 -4.97 23.21
N GLY B 125 8.11 -6.04 23.07
CA GLY B 125 8.67 -7.37 23.22
C GLY B 125 9.73 -7.67 22.17
N MET B 126 9.46 -7.24 20.93
CA MET B 126 10.37 -7.51 19.84
C MET B 126 11.65 -6.66 19.96
N ALA B 127 11.49 -5.40 20.37
CA ALA B 127 12.64 -4.52 20.63
C ALA B 127 13.53 -5.13 21.69
N TYR B 128 12.91 -5.73 22.71
CA TYR B 128 13.71 -6.36 23.77
C TYR B 128 14.42 -7.57 23.21
N LEU B 129 13.72 -8.42 22.46
CA LEU B 129 14.40 -9.59 21.90
C LEU B 129 15.58 -9.22 21.02
N HIS B 130 15.38 -8.24 20.14
CA HIS B 130 16.48 -7.83 19.28
C HIS B 130 17.60 -7.20 20.09
N GLY B 131 17.24 -6.55 21.20
CA GLY B 131 18.23 -5.94 22.08
C GLY B 131 19.11 -7.00 22.72
N LYS B 132 18.56 -8.20 22.86
CA LYS B 132 19.35 -9.31 23.40
C LYS B 132 19.98 -10.14 22.28
N GLY B 133 19.99 -9.60 21.07
CA GLY B 133 20.54 -10.31 19.92
C GLY B 133 19.76 -11.57 19.55
N VAL B 134 18.50 -11.65 19.98
CA VAL B 134 17.66 -12.77 19.62
C VAL B 134 16.72 -12.42 18.47
N ILE B 135 16.94 -13.05 17.33
CA ILE B 135 16.05 -12.96 16.19
C ILE B 135 15.02 -14.08 16.30
N HIS B 136 13.75 -13.72 16.24
CA HIS B 136 12.66 -14.66 16.52
C HIS B 136 12.58 -15.80 15.48
N LYS B 137 12.34 -15.43 14.22
CA LYS B 137 12.31 -16.40 13.13
C LYS B 137 10.88 -16.79 12.73
N ASP B 138 10.02 -16.99 13.72
CA ASP B 138 8.64 -17.44 13.50
C ASP B 138 7.62 -16.57 14.24
N LEU B 139 7.73 -15.25 14.09
CA LEU B 139 6.76 -14.35 14.67
C LEU B 139 5.43 -14.43 13.92
N LYS B 140 4.35 -14.68 14.65
CA LYS B 140 3.03 -14.91 14.07
C LYS B 140 2.02 -14.93 15.21
N PRO B 141 0.72 -14.76 14.91
CA PRO B 141 -0.36 -14.68 15.90
C PRO B 141 -0.38 -15.83 16.89
N GLU B 142 -0.06 -17.03 16.45
CA GLU B 142 0.04 -18.17 17.35
C GLU B 142 1.17 -18.04 18.39
N ASN B 143 2.20 -17.26 18.08
CA ASN B 143 3.26 -17.00 19.05
C ASN B 143 3.04 -15.70 19.84
N ILE B 144 1.82 -15.21 19.88
CA ILE B 144 1.52 -14.04 20.69
C ILE B 144 0.39 -14.43 21.64
N LEU B 145 0.73 -14.55 22.92
CA LEU B 145 -0.17 -15.10 23.92
C LEU B 145 -0.76 -13.96 24.71
N VAL B 146 -2.00 -14.08 25.16
CA VAL B 146 -2.61 -12.96 25.87
C VAL B 146 -3.23 -13.39 27.20
N ASP B 147 -3.13 -12.52 28.21
CA ASP B 147 -3.70 -12.82 29.53
C ASP B 147 -5.15 -12.30 29.64
N ASN B 148 -5.73 -12.39 30.84
CA ASN B 148 -7.11 -11.95 31.04
C ASN B 148 -7.29 -10.44 30.91
N ASP B 149 -6.23 -9.70 31.22
CA ASP B 149 -6.22 -8.25 31.08
C ASP B 149 -5.95 -7.84 29.66
N PHE B 150 -5.84 -8.79 28.75
CA PHE B 150 -5.51 -8.56 27.34
C PHE B 150 -4.12 -7.99 27.12
N HIS B 151 -3.23 -8.18 28.09
CA HIS B 151 -1.81 -7.92 27.87
C HIS B 151 -1.21 -9.11 27.13
N ILE B 152 -0.17 -8.86 26.34
CA ILE B 152 0.42 -9.92 25.54
C ILE B 152 1.86 -10.25 25.92
N LYS B 153 2.26 -11.49 25.63
CA LYS B 153 3.65 -11.88 25.73
C LYS B 153 4.01 -12.67 24.50
N ILE B 154 5.20 -12.40 23.97
CA ILE B 154 5.68 -13.10 22.80
C ILE B 154 6.27 -14.44 23.19
N ALA B 155 5.92 -15.48 22.42
CA ALA B 155 6.42 -16.82 22.65
C ALA B 155 7.09 -17.36 21.40
N ASP B 156 7.76 -18.50 21.53
CA ASP B 156 8.39 -19.19 20.42
C ASP B 156 8.08 -20.67 20.59
N LEU B 157 6.81 -21.04 20.44
CA LEU B 157 6.40 -22.42 20.71
C LEU B 157 6.93 -23.48 19.72
N GLY B 158 7.31 -23.06 18.52
CA GLY B 158 7.93 -23.97 17.57
C GLY B 158 9.45 -24.05 17.72
N LEU B 159 9.98 -23.38 18.73
CA LEU B 159 11.43 -23.36 18.98
C LEU B 159 12.25 -22.86 17.79
N ALA B 160 11.71 -21.94 17.02
CA ALA B 160 12.45 -21.41 15.88
C ALA B 160 13.77 -20.77 16.30
N SER B 161 13.82 -20.20 17.50
CA SER B 161 15.00 -19.46 17.94
C SER B 161 16.07 -20.33 18.57
N PHE B 162 15.77 -21.61 18.71
CA PHE B 162 16.67 -22.57 19.38
C PHE B 162 17.59 -23.30 18.40
N LYS B 163 18.65 -23.91 18.92
CA LYS B 163 19.54 -24.72 18.08
C LYS B 163 19.58 -26.15 18.59
N MET B 164 19.94 -26.32 19.85
CA MET B 164 20.00 -27.64 20.47
C MET B 164 18.60 -28.26 20.66
N TRP B 165 17.70 -27.51 21.30
CA TRP B 165 16.36 -28.06 21.60
C TRP B 165 15.54 -28.36 20.33
N SER B 166 15.76 -27.54 19.30
CA SER B 166 15.11 -27.75 18.01
C SER B 166 15.67 -29.00 17.32
N LYS B 167 16.94 -29.32 17.58
CA LYS B 167 17.54 -30.52 17.02
C LYS B 167 17.00 -31.74 17.75
N LEU B 168 16.88 -31.58 19.06
CA LEU B 168 16.27 -32.59 19.92
C LEU B 168 14.88 -32.94 19.42
N ASN B 169 14.09 -31.92 19.08
CA ASN B 169 12.68 -32.11 18.72
C ASN B 169 12.44 -32.98 17.48
N ASN B 170 13.53 -33.42 16.85
CA ASN B 170 13.41 -34.34 15.72
C ASN B 170 14.57 -35.32 15.59
N GLU B 171 14.97 -35.92 16.70
CA GLU B 171 16.04 -36.92 16.70
C GLU B 171 15.53 -38.26 16.16
N GLU B 172 16.28 -39.33 16.44
CA GLU B 172 15.93 -40.67 15.95
C GLU B 172 14.55 -41.11 16.43
N HIS B 173 14.37 -41.19 17.75
CA HIS B 173 13.06 -41.50 18.32
C HIS B 173 12.22 -40.24 18.56
N ASN B 174 10.93 -40.34 18.26
CA ASN B 174 10.03 -39.22 18.43
C ASN B 174 8.65 -39.60 18.97
N GLU B 175 7.62 -39.17 18.24
CA GLU B 175 6.26 -39.04 18.75
C GLU B 175 6.23 -38.00 19.87
N GLY B 188 -0.42 -21.87 8.11
CA GLY B 188 1.00 -22.12 8.28
C GLY B 188 1.80 -20.85 8.54
N THR B 189 3.09 -21.02 8.79
CA THR B 189 3.96 -19.88 9.05
C THR B 189 4.38 -19.19 7.77
N LEU B 190 3.91 -19.71 6.64
CA LEU B 190 4.23 -19.14 5.33
C LEU B 190 3.53 -17.80 5.14
N TYR B 191 2.47 -17.56 5.91
CA TYR B 191 1.72 -16.33 5.81
C TYR B 191 2.54 -15.15 6.35
N TYR B 192 3.43 -15.43 7.30
CA TYR B 192 4.14 -14.41 8.07
C TYR B 192 5.63 -14.30 7.75
N MET B 193 6.09 -15.17 6.86
CA MET B 193 7.51 -15.25 6.54
C MET B 193 7.91 -14.21 5.50
N ALA B 194 9.00 -13.49 5.76
CA ALA B 194 9.46 -12.48 4.80
C ALA B 194 9.78 -13.14 3.45
N PRO B 195 9.46 -12.44 2.34
CA PRO B 195 9.48 -13.07 1.00
C PRO B 195 10.87 -13.53 0.58
N GLU B 196 11.89 -12.82 1.02
CA GLU B 196 13.28 -13.23 0.80
C GLU B 196 13.61 -14.61 1.38
N HIS B 197 12.81 -15.09 2.32
CA HIS B 197 13.01 -16.45 2.85
C HIS B 197 12.17 -17.53 2.18
N LEU B 198 11.15 -17.12 1.44
CA LEU B 198 10.22 -18.08 0.87
C LEU B 198 10.92 -18.88 -0.23
N ASN B 199 10.69 -20.20 -0.26
CA ASN B 199 11.36 -21.07 -1.22
C ASN B 199 12.88 -20.94 -1.12
N ASP B 200 13.37 -20.96 0.12
CA ASP B 200 14.80 -20.90 0.36
C ASP B 200 15.09 -21.79 1.57
N VAL B 201 15.35 -23.07 1.29
CA VAL B 201 15.57 -24.07 2.33
C VAL B 201 16.68 -23.70 3.32
N ASN B 202 17.62 -22.88 2.87
CA ASN B 202 18.76 -22.52 3.68
C ASN B 202 18.80 -21.02 3.97
N ALA B 203 17.82 -20.57 4.74
CA ALA B 203 17.60 -19.14 4.96
C ALA B 203 18.34 -18.56 6.14
N LYS B 204 18.72 -17.29 6.01
CA LYS B 204 19.40 -16.57 7.09
C LYS B 204 18.57 -15.38 7.55
N PRO B 205 17.64 -15.64 8.48
CA PRO B 205 16.78 -14.57 8.98
C PRO B 205 17.56 -13.51 9.74
N THR B 206 17.10 -12.27 9.62
CA THR B 206 17.65 -11.14 10.34
C THR B 206 16.52 -10.35 10.99
N GLU B 207 16.85 -9.20 11.56
CA GLU B 207 15.90 -8.38 12.30
C GLU B 207 14.74 -7.90 11.41
N LYS B 208 15.07 -7.67 10.15
CA LYS B 208 14.08 -7.24 9.17
C LYS B 208 13.07 -8.33 8.78
N SER B 209 13.46 -9.60 8.91
CA SER B 209 12.52 -10.69 8.64
C SER B 209 11.40 -10.64 9.65
N ASP B 210 11.81 -10.45 10.92
CA ASP B 210 10.89 -10.31 12.02
C ASP B 210 10.00 -9.08 11.81
N VAL B 211 10.59 -7.98 11.34
CA VAL B 211 9.77 -6.79 11.03
C VAL B 211 8.67 -7.10 9.99
N TYR B 212 9.03 -7.89 8.97
CA TYR B 212 8.04 -8.30 7.98
C TYR B 212 6.89 -9.07 8.65
N SER B 213 7.28 -10.04 9.49
CA SER B 213 6.27 -10.83 10.21
C SER B 213 5.32 -9.92 10.98
N PHE B 214 5.90 -8.93 11.64
CA PHE B 214 5.13 -7.93 12.38
C PHE B 214 4.10 -7.23 11.48
N ALA B 215 4.51 -6.86 10.27
CA ALA B 215 3.61 -6.19 9.32
C ALA B 215 2.35 -7.03 9.05
N VAL B 216 2.58 -8.30 8.72
CA VAL B 216 1.42 -9.14 8.48
C VAL B 216 0.55 -9.30 9.73
N VAL B 217 1.19 -9.44 10.90
CA VAL B 217 0.47 -9.43 12.18
C VAL B 217 -0.42 -8.19 12.38
N LEU B 218 0.10 -7.01 12.03
CA LEU B 218 -0.70 -5.78 12.07
C LEU B 218 -1.96 -5.97 11.24
N TRP B 219 -1.75 -6.45 10.02
CA TRP B 219 -2.89 -6.71 9.16
C TRP B 219 -3.90 -7.64 9.83
N ALA B 220 -3.45 -8.76 10.38
CA ALA B 220 -4.37 -9.75 10.95
C ALA B 220 -5.12 -9.17 12.18
N ILE B 221 -4.42 -8.33 12.92
CA ILE B 221 -5.00 -7.65 14.07
C ILE B 221 -6.20 -6.82 13.61
N PHE B 222 -6.10 -6.14 12.46
CA PHE B 222 -7.28 -5.38 12.01
C PHE B 222 -8.31 -6.11 11.12
N ALA B 223 -7.90 -7.18 10.46
CA ALA B 223 -8.82 -7.96 9.64
C ALA B 223 -9.58 -8.97 10.49
N ASN B 224 -9.01 -9.34 11.63
CA ASN B 224 -9.54 -10.38 12.52
C ASN B 224 -9.49 -11.80 11.95
N LYS B 225 -8.51 -12.07 11.10
CA LYS B 225 -8.37 -13.38 10.48
C LYS B 225 -7.01 -13.51 9.81
N GLU B 226 -6.72 -14.71 9.32
CA GLU B 226 -5.51 -14.97 8.56
C GLU B 226 -5.63 -14.30 7.20
N PRO B 227 -4.49 -13.86 6.62
CA PRO B 227 -4.44 -13.28 5.27
C PRO B 227 -4.57 -14.33 4.15
N TYR B 228 -4.76 -13.88 2.91
CA TYR B 228 -4.65 -14.77 1.74
C TYR B 228 -5.70 -15.89 1.64
N GLU B 229 -6.93 -15.66 2.08
CA GLU B 229 -7.98 -16.68 1.99
C GLU B 229 -8.32 -17.11 0.54
N ASN B 230 -8.06 -16.25 -0.44
CA ASN B 230 -8.35 -16.61 -1.84
C ASN B 230 -7.26 -17.43 -2.51
N ALA B 231 -6.14 -17.65 -1.83
CA ALA B 231 -5.07 -18.45 -2.38
C ALA B 231 -5.57 -19.86 -2.71
N ILE B 232 -5.05 -20.42 -3.79
CA ILE B 232 -5.49 -21.71 -4.27
C ILE B 232 -4.40 -22.75 -4.00
N ALA B 233 -3.15 -22.38 -4.27
CA ALA B 233 -2.05 -23.33 -4.16
C ALA B 233 -0.84 -22.69 -3.46
N GLU B 234 -0.02 -23.53 -2.81
CA GLU B 234 1.13 -23.08 -2.04
C GLU B 234 2.17 -22.35 -2.88
N GLN B 235 2.57 -22.96 -3.99
CA GLN B 235 3.52 -22.34 -4.89
C GLN B 235 2.96 -21.05 -5.47
N GLN B 236 1.67 -21.02 -5.76
CA GLN B 236 1.03 -19.80 -6.22
C GLN B 236 1.19 -18.71 -5.16
N LEU B 237 0.97 -19.08 -3.90
CA LEU B 237 0.96 -18.08 -2.83
C LEU B 237 2.37 -17.54 -2.63
N ILE B 238 3.31 -18.47 -2.52
CA ILE B 238 4.72 -18.17 -2.33
C ILE B 238 5.28 -17.28 -3.44
N MET B 239 5.07 -17.68 -4.69
CA MET B 239 5.56 -16.90 -5.81
C MET B 239 4.84 -15.56 -5.88
N ALA B 240 3.59 -15.51 -5.46
CA ALA B 240 2.89 -14.24 -5.45
C ALA B 240 3.52 -13.27 -4.43
N ILE B 241 3.80 -13.77 -3.23
CA ILE B 241 4.39 -12.91 -2.20
C ILE B 241 5.80 -12.46 -2.58
N LYS B 242 6.62 -13.38 -3.10
CA LYS B 242 7.96 -13.01 -3.59
C LYS B 242 7.87 -11.96 -4.70
N SER B 243 6.77 -11.98 -5.44
CA SER B 243 6.55 -11.01 -6.50
C SER B 243 5.96 -9.68 -6.00
N GLY B 244 5.61 -9.61 -4.71
CA GLY B 244 5.13 -8.35 -4.12
C GLY B 244 3.67 -8.33 -3.69
N ASN B 245 3.02 -9.47 -3.75
CA ASN B 245 1.67 -9.64 -3.24
C ASN B 245 1.63 -9.55 -1.73
N ARG B 246 0.65 -8.84 -1.21
CA ARG B 246 0.54 -8.62 0.23
C ARG B 246 -0.89 -8.90 0.69
N PRO B 247 -1.13 -8.98 2.01
CA PRO B 247 -2.52 -9.13 2.45
C PRO B 247 -3.36 -7.99 1.89
N ASP B 248 -4.62 -8.29 1.62
CA ASP B 248 -5.52 -7.33 0.99
C ASP B 248 -6.01 -6.30 2.00
N VAL B 249 -5.50 -5.07 1.84
CA VAL B 249 -5.82 -3.97 2.73
C VAL B 249 -7.31 -3.62 2.67
N ASP B 250 -7.92 -3.87 1.52
CA ASP B 250 -9.33 -3.57 1.35
C ASP B 250 -10.19 -4.56 2.10
N ASP B 251 -9.65 -5.77 2.30
CA ASP B 251 -10.41 -6.80 3.01
C ASP B 251 -10.34 -6.59 4.52
N ILE B 252 -9.96 -5.39 4.93
CA ILE B 252 -10.15 -4.97 6.30
C ILE B 252 -11.47 -4.21 6.37
N THR B 253 -12.40 -4.72 7.16
CA THR B 253 -13.71 -4.08 7.29
C THR B 253 -13.81 -3.17 8.51
N GLU B 254 -13.16 -3.57 9.61
CA GLU B 254 -13.06 -2.71 10.78
C GLU B 254 -12.39 -1.39 10.38
N TYR B 255 -12.70 -0.34 11.11
CA TYR B 255 -11.94 0.89 10.97
C TYR B 255 -10.47 0.61 11.33
N CYS B 256 -9.56 1.02 10.45
CA CYS B 256 -8.13 0.95 10.74
C CYS B 256 -7.52 2.28 10.38
N PRO B 257 -6.94 2.97 11.38
CA PRO B 257 -6.31 4.27 11.17
C PRO B 257 -5.29 4.22 10.04
N ARG B 258 -5.29 5.24 9.19
CA ARG B 258 -4.39 5.28 8.05
C ARG B 258 -2.92 5.23 8.45
N GLU B 259 -2.61 5.67 9.66
CA GLU B 259 -1.25 5.65 10.16
C GLU B 259 -0.77 4.20 10.27
N ILE B 260 -1.67 3.35 10.71
CA ILE B 260 -1.38 1.93 10.85
C ILE B 260 -1.30 1.20 9.49
N ILE B 261 -2.11 1.63 8.54
CA ILE B 261 -2.03 1.13 7.19
C ILE B 261 -0.68 1.47 6.61
N SER B 262 -0.27 2.70 6.78
CA SER B 262 1.03 3.14 6.29
C SER B 262 2.16 2.36 6.96
N LEU B 263 2.06 2.17 8.28
CA LEU B 263 3.07 1.42 9.02
C LEU B 263 3.19 -0.03 8.54
N MET B 264 2.06 -0.65 8.21
CA MET B 264 2.13 -2.02 7.75
C MET B 264 2.76 -2.11 6.33
N LYS B 265 2.39 -1.17 5.47
CA LYS B 265 2.99 -1.16 4.13
C LYS B 265 4.50 -0.88 4.23
N LEU B 266 4.92 -0.09 5.18
CA LEU B 266 6.33 0.14 5.31
C LEU B 266 7.00 -1.09 5.82
N CYS B 267 6.34 -1.75 6.75
CA CYS B 267 7.01 -2.88 7.40
C CYS B 267 7.09 -4.14 6.54
N TRP B 268 6.29 -4.19 5.47
CA TRP B 268 6.36 -5.32 4.55
C TRP B 268 6.93 -4.98 3.14
N GLU B 269 7.67 -3.88 3.06
CA GLU B 269 8.48 -3.55 1.87
C GLU B 269 9.27 -4.77 1.42
N ALA B 270 9.32 -4.96 0.10
CA ALA B 270 10.07 -6.04 -0.51
C ALA B 270 11.56 -5.98 -0.17
N ASN B 271 12.11 -4.77 -0.15
CA ASN B 271 13.51 -4.61 0.24
C ASN B 271 13.61 -4.57 1.77
N PRO B 272 14.32 -5.52 2.37
CA PRO B 272 14.43 -5.58 3.83
C PRO B 272 14.96 -4.25 4.38
N GLU B 273 15.90 -3.66 3.66
CA GLU B 273 16.52 -2.42 4.08
C GLU B 273 15.54 -1.27 4.19
N ALA B 274 14.47 -1.30 3.40
CA ALA B 274 13.47 -0.24 3.45
C ALA B 274 12.54 -0.39 4.66
N ARG B 275 12.65 -1.50 5.38
CA ARG B 275 11.82 -1.73 6.56
C ARG B 275 12.48 -1.11 7.79
N PRO B 276 11.69 -0.44 8.65
CA PRO B 276 12.31 0.18 9.83
C PRO B 276 12.75 -0.90 10.83
N THR B 277 13.41 -0.49 11.89
CA THR B 277 13.77 -1.39 12.97
C THR B 277 12.70 -1.27 14.04
N PHE B 278 12.62 -2.24 14.93
CA PHE B 278 11.64 -2.15 16.03
C PHE B 278 11.79 -0.92 16.93
N PRO B 279 13.04 -0.56 17.33
CA PRO B 279 13.19 0.72 18.03
C PRO B 279 12.63 1.93 17.27
N GLY B 280 12.83 1.96 15.95
CA GLY B 280 12.30 3.00 15.09
C GLY B 280 10.77 2.98 15.04
N ILE B 281 10.20 1.78 14.96
CA ILE B 281 8.76 1.65 14.97
C ILE B 281 8.21 2.17 16.29
N GLU B 282 8.83 1.77 17.40
CA GLU B 282 8.36 2.11 18.72
C GLU B 282 8.35 3.62 18.94
N GLU B 283 9.42 4.29 18.48
CA GLU B 283 9.48 5.74 18.62
C GLU B 283 8.35 6.48 17.93
N LYS B 284 7.85 5.90 16.85
CA LYS B 284 6.75 6.51 16.11
C LYS B 284 5.37 6.07 16.60
N PHE B 285 5.25 4.80 16.99
CA PHE B 285 3.95 4.26 17.34
C PHE B 285 3.52 4.63 18.74
N ARG B 286 4.46 4.64 19.68
CA ARG B 286 4.10 4.95 21.05
C ARG B 286 3.32 6.26 21.19
N PRO B 287 3.83 7.36 20.59
CA PRO B 287 3.08 8.59 20.85
C PRO B 287 1.82 8.69 20.00
N PHE B 288 1.76 7.97 18.88
CA PHE B 288 0.51 7.84 18.14
C PHE B 288 -0.51 7.10 18.98
N TYR B 289 -0.06 6.03 19.62
CA TYR B 289 -0.92 5.27 20.52
C TYR B 289 -1.48 6.12 21.66
N LEU B 290 -0.59 6.76 22.41
CA LEU B 290 -0.98 7.57 23.56
C LEU B 290 -1.93 8.67 23.14
N SER B 291 -1.62 9.30 22.01
CA SER B 291 -2.39 10.43 21.50
C SER B 291 -3.77 10.07 20.95
N GLN B 292 -3.84 9.06 20.08
CA GLN B 292 -5.06 8.79 19.31
C GLN B 292 -5.87 7.58 19.77
N LEU B 293 -5.21 6.61 20.39
CA LEU B 293 -5.79 5.30 20.59
C LEU B 293 -6.16 4.97 22.03
N GLU B 294 -5.26 5.28 22.97
CA GLU B 294 -5.40 4.75 24.33
C GLU B 294 -6.73 5.10 25.02
#